data_9KN9
#
_entry.id   9KN9
#
_cell.length_a   40.340
_cell.length_b   66.015
_cell.length_c   48.600
_cell.angle_alpha   90.00
_cell.angle_beta   110.90
_cell.angle_gamma   90.00
#
_symmetry.space_group_name_H-M   'P 1 21 1'
#
loop_
_entity.id
_entity.type
_entity.pdbx_description
1 polymer 'Histone-lysine N-methyltransferase NSD2'
2 non-polymer 'SULFATE ION'
3 non-polymer (Z)-N-methyl-3-sulfanyl-prop-2-enamide
4 non-polymer '4-(2-HYDROXYETHYL)-1-PIPERAZINE ETHANESULFONIC ACID'
5 water water
#
_entity_poly.entity_id   1
_entity_poly.type   'polypeptide(L)'
_entity_poly.pdbx_seq_one_letter_code
;LLKYNVGDLVWSKVSGYPWWPCMVSADPLLHSYTKLKGQKKSARQYHVQFFGDAPERAWIFEKSLVAFEGEGQFEKLCQE
SAKQAPTKAEKIKLLKPISGKLRAQWEMGIVQAEEAASMSVEERKAKFTFLYV
;
_entity_poly.pdbx_strand_id   B,A
#
loop_
_chem_comp.id
_chem_comp.type
_chem_comp.name
_chem_comp.formula
A1EF6 non-polymer (Z)-N-methyl-3-sulfanyl-prop-2-enamide 'C4 H7 N O S'
EPE non-polymer '4-(2-HYDROXYETHYL)-1-PIPERAZINE ETHANESULFONIC ACID' 'C8 H18 N2 O4 S'
SO4 non-polymer 'SULFATE ION' 'O4 S -2'
#
# COMPACT_ATOMS: atom_id res chain seq x y z
N LEU A 1 10.46 22.84 -0.87
CA LEU A 1 11.47 23.19 0.13
C LEU A 1 11.12 22.66 1.53
N LEU A 2 9.83 22.65 1.86
CA LEU A 2 9.36 22.15 3.14
C LEU A 2 8.92 20.68 3.03
N LYS A 3 8.94 20.00 4.17
CA LYS A 3 8.34 18.68 4.25
C LYS A 3 6.82 18.78 4.19
N TYR A 4 6.18 17.82 3.53
CA TYR A 4 4.72 17.75 3.61
C TYR A 4 4.29 17.62 5.07
N ASN A 5 3.07 18.06 5.35
CA ASN A 5 2.47 17.90 6.66
C ASN A 5 1.19 17.09 6.52
N VAL A 6 0.71 16.55 7.64
CA VAL A 6 -0.56 15.84 7.66
C VAL A 6 -1.64 16.78 7.10
N GLY A 7 -2.42 16.29 6.15
CA GLY A 7 -3.45 17.10 5.52
C GLY A 7 -3.10 17.64 4.15
N ASP A 8 -1.81 17.70 3.79
CA ASP A 8 -1.44 18.18 2.46
C ASP A 8 -1.97 17.23 1.40
N LEU A 9 -2.40 17.79 0.27
CA LEU A 9 -2.90 17.00 -0.84
C LEU A 9 -1.78 16.75 -1.82
N VAL A 10 -1.64 15.50 -2.27
CA VAL A 10 -0.58 15.14 -3.20
C VAL A 10 -1.15 14.21 -4.25
N TRP A 11 -0.49 14.21 -5.41
CA TRP A 11 -0.64 13.13 -6.38
C TRP A 11 0.37 12.04 -6.04
N SER A 12 -0.06 10.78 -6.10
CA SER A 12 0.84 9.63 -5.90
C SER A 12 0.87 8.77 -7.15
N LYS A 13 2.06 8.23 -7.46
CA LYS A 13 2.24 7.32 -8.59
C LYS A 13 2.64 5.95 -8.06
N VAL A 14 1.74 4.98 -8.23
CA VAL A 14 2.03 3.56 -8.00
C VAL A 14 2.11 2.87 -9.36
N SER A 15 3.05 1.93 -9.50
CA SER A 15 3.19 1.24 -10.77
C SER A 15 1.90 0.53 -11.15
N GLY A 16 1.52 0.65 -12.42
CA GLY A 16 0.27 0.14 -12.91
C GLY A 16 -0.92 1.05 -12.71
N TYR A 17 -0.76 2.18 -12.03
CA TYR A 17 -1.86 3.09 -11.75
C TYR A 17 -1.62 4.44 -12.40
N PRO A 18 -2.69 5.12 -12.81
CA PRO A 18 -2.55 6.54 -13.13
C PRO A 18 -2.19 7.32 -11.87
N TRP A 19 -1.53 8.46 -12.06
CA TRP A 19 -1.32 9.39 -10.94
C TRP A 19 -2.61 9.56 -10.17
N TRP A 20 -2.52 9.51 -8.84
CA TRP A 20 -3.70 9.34 -8.02
C TRP A 20 -3.78 10.41 -6.94
N PRO A 21 -4.94 11.05 -6.77
CA PRO A 21 -5.07 12.10 -5.74
C PRO A 21 -5.08 11.50 -4.33
N CYS A 22 -4.20 12.03 -3.46
CA CYS A 22 -4.08 11.55 -2.08
C CYS A 22 -3.94 12.71 -1.09
N MET A 23 -4.01 12.34 0.19
CA MET A 23 -3.77 13.24 1.32
C MET A 23 -2.78 12.58 2.28
N VAL A 24 -1.70 13.30 2.59
CA VAL A 24 -0.75 12.86 3.60
C VAL A 24 -1.46 12.77 4.93
N SER A 25 -1.24 11.67 5.66
CA SER A 25 -1.91 11.44 6.94
C SER A 25 -1.02 10.57 7.83
N ALA A 26 -1.35 10.53 9.12
CA ALA A 26 -0.61 9.69 10.06
C ALA A 26 -1.00 8.22 9.93
N ASP A 27 0.00 7.35 9.84
CA ASP A 27 -0.23 5.91 9.93
C ASP A 27 -0.92 5.60 11.25
N PRO A 28 -2.11 4.99 11.24
CA PRO A 28 -2.85 4.77 12.49
C PRO A 28 -2.27 3.68 13.39
N LEU A 29 -1.34 2.87 12.91
CA LEU A 29 -0.67 1.89 13.76
C LEU A 29 0.74 2.29 14.14
N LEU A 30 1.46 2.98 13.25
CA LEU A 30 2.81 3.44 13.57
C LEU A 30 2.84 4.83 14.20
N HIS A 31 1.76 5.61 14.09
CA HIS A 31 1.69 6.98 14.61
C HIS A 31 2.81 7.85 14.06
N SER A 32 3.12 7.65 12.77
CA SER A 32 4.02 8.52 12.04
C SER A 32 3.38 8.82 10.68
N TYR A 33 3.84 9.91 10.06
CA TYR A 33 3.41 10.25 8.71
C TYR A 33 4.56 10.42 7.73
N THR A 34 5.81 10.42 8.21
CA THR A 34 6.98 10.37 7.35
C THR A 34 8.04 9.55 8.07
N LYS A 35 8.91 8.92 7.30
CA LYS A 35 9.91 8.00 7.85
C LYS A 35 10.89 7.61 6.75
N LEU A 36 11.95 6.90 7.16
CA LEU A 36 13.03 6.55 6.25
C LEU A 36 13.13 5.04 6.16
N LYS A 37 12.99 4.50 4.94
CA LYS A 37 13.00 3.06 4.72
C LYS A 37 14.34 2.46 5.13
N LYS A 41 18.08 3.94 5.49
CA LYS A 41 17.58 5.19 6.05
C LYS A 41 18.22 6.39 5.33
N SER A 42 17.63 6.75 4.18
CA SER A 42 18.15 7.81 3.30
C SER A 42 17.13 8.13 2.21
N ALA A 43 16.04 7.35 2.17
CA ALA A 43 14.98 7.45 1.17
C ALA A 43 13.67 7.69 1.92
N ARG A 44 13.20 8.92 1.91
CA ARG A 44 12.06 9.32 2.71
C ARG A 44 10.76 8.87 2.05
N GLN A 45 9.86 8.30 2.85
CA GLN A 45 8.51 8.03 2.41
C GLN A 45 7.52 8.88 3.21
N TYR A 46 6.35 9.07 2.63
CA TYR A 46 5.22 9.68 3.33
C TYR A 46 4.08 8.68 3.35
N HIS A 47 3.30 8.71 4.40
CA HIS A 47 2.06 7.95 4.48
C HIS A 47 0.93 8.72 3.84
N VAL A 48 0.20 8.09 2.94
CA VAL A 48 -0.90 8.74 2.23
C VAL A 48 -2.14 7.86 2.29
N GLN A 49 -3.30 8.49 2.25
CA GLN A 49 -4.54 7.78 2.01
C GLN A 49 -5.02 8.16 0.62
N PHE A 50 -5.58 7.19 -0.10
CA PHE A 50 -6.00 7.37 -1.47
C PHE A 50 -7.49 7.73 -1.50
N PHE A 51 -7.81 8.89 -2.09
CA PHE A 51 -9.21 9.27 -2.27
C PHE A 51 -9.92 8.26 -3.16
N GLY A 52 -11.22 8.16 -2.99
CA GLY A 52 -12.04 7.21 -3.69
C GLY A 52 -13.10 6.67 -2.77
N ASP A 53 -13.82 5.65 -3.24
CA ASP A 53 -14.83 5.03 -2.39
C ASP A 53 -14.20 4.03 -1.42
N ALA A 54 -13.08 3.43 -1.79
CA ALA A 54 -12.40 2.45 -0.96
C ALA A 54 -11.32 3.14 -0.14
N PRO A 55 -11.32 2.96 1.19
CA PRO A 55 -10.30 3.60 2.06
C PRO A 55 -8.93 2.94 2.12
N GLU A 56 -8.14 3.10 1.04
CA GLU A 56 -6.78 2.55 0.97
C GLU A 56 -5.74 3.56 1.48
N ARG A 57 -4.61 3.04 1.95
CA ARG A 57 -3.51 3.84 2.45
C ARG A 57 -2.18 3.18 2.11
N ALA A 58 -1.10 3.97 2.10
CA ALA A 58 0.18 3.38 1.75
C ALA A 58 1.31 4.31 2.12
N TRP A 59 2.48 3.70 2.33
CA TRP A 59 3.74 4.43 2.46
C TRP A 59 4.37 4.56 1.08
N ILE A 60 4.61 5.80 0.63
CA ILE A 60 5.02 6.08 -0.74
C ILE A 60 6.29 6.91 -0.71
N PHE A 61 7.25 6.58 -1.59
CA PHE A 61 8.50 7.33 -1.63
C PHE A 61 8.26 8.77 -2.07
N GLU A 62 9.00 9.67 -1.46
CA GLU A 62 8.98 11.11 -1.70
C GLU A 62 8.99 11.45 -3.18
N LYS A 63 9.78 10.70 -3.97
CA LYS A 63 9.95 11.01 -5.38
C LYS A 63 8.74 10.65 -6.21
N SER A 64 7.85 9.80 -5.69
CA SER A 64 6.60 9.46 -6.37
C SER A 64 5.43 10.32 -5.91
N LEU A 65 5.70 11.44 -5.23
CA LEU A 65 4.65 12.34 -4.78
C LEU A 65 4.84 13.70 -5.42
N VAL A 66 3.72 14.30 -5.84
CA VAL A 66 3.68 15.65 -6.41
C VAL A 66 2.56 16.42 -5.72
N ALA A 67 2.86 17.63 -5.23
CA ALA A 67 1.88 18.50 -4.61
C ALA A 67 0.67 18.72 -5.53
N PHE A 68 -0.52 18.61 -4.94
CA PHE A 68 -1.79 18.64 -5.67
C PHE A 68 -2.32 20.07 -5.73
N GLU A 69 -2.52 20.58 -6.94
CA GLU A 69 -3.25 21.83 -7.12
C GLU A 69 -4.65 21.63 -7.68
N GLY A 70 -4.82 20.74 -8.65
CA GLY A 70 -6.12 20.47 -9.23
C GLY A 70 -6.00 19.43 -10.33
N GLU A 71 -7.16 18.95 -10.78
CA GLU A 71 -7.20 17.87 -11.76
C GLU A 71 -6.48 18.22 -13.06
N GLY A 72 -6.33 19.52 -13.36
CA GLY A 72 -5.63 19.91 -14.58
C GLY A 72 -4.19 19.48 -14.66
N GLN A 73 -3.55 19.23 -13.51
CA GLN A 73 -2.16 18.77 -13.55
C GLN A 73 -2.02 17.38 -14.15
N PHE A 74 -3.11 16.59 -14.14
CA PHE A 74 -3.04 15.18 -14.53
C PHE A 74 -2.50 15.03 -15.94
N GLU A 75 -2.86 15.95 -16.85
CA GLU A 75 -2.34 15.90 -18.22
C GLU A 75 -0.83 15.91 -18.25
N LYS A 76 -0.23 16.92 -17.59
CA LYS A 76 1.22 17.05 -17.60
C LYS A 76 1.91 15.89 -16.90
N LEU A 77 1.30 15.38 -15.81
CA LEU A 77 1.93 14.23 -15.12
C LEU A 77 1.95 13.00 -16.03
N CYS A 78 0.86 12.78 -16.77
CA CYS A 78 0.78 11.63 -17.65
C CYS A 78 1.72 11.77 -18.84
N GLN A 79 1.81 12.97 -19.42
CA GLN A 79 2.73 13.20 -20.52
C GLN A 79 4.16 12.89 -20.13
N GLU A 80 4.57 13.32 -18.94
CA GLU A 80 5.93 13.05 -18.52
C GLU A 80 6.15 11.58 -18.18
N SER A 81 5.12 10.89 -17.67
CA SER A 81 5.27 9.46 -17.44
C SER A 81 5.38 8.71 -18.76
N ALA A 82 4.65 9.17 -19.79
CA ALA A 82 4.73 8.53 -21.10
C ALA A 82 6.05 8.82 -21.79
N LYS A 83 6.45 10.09 -21.84
CA LYS A 83 7.71 10.50 -22.46
C LYS A 83 8.92 10.13 -21.61
N GLN A 84 8.73 9.20 -20.68
CA GLN A 84 9.82 8.58 -19.95
C GLN A 84 9.66 7.07 -19.84
N ALA A 85 8.60 6.49 -20.38
CA ALA A 85 8.36 5.05 -20.28
C ALA A 85 9.42 4.30 -21.08
N PRO A 86 10.21 3.41 -20.45
CA PRO A 86 11.37 2.85 -21.17
C PRO A 86 11.00 2.00 -22.37
N THR A 87 10.05 1.08 -22.21
CA THR A 87 9.69 0.14 -23.25
C THR A 87 8.50 0.64 -24.07
N LYS A 88 8.44 0.19 -25.32
CA LYS A 88 7.25 0.47 -26.11
C LYS A 88 6.02 -0.17 -25.50
N ALA A 89 6.22 -1.27 -24.76
CA ALA A 89 5.10 -1.99 -24.18
C ALA A 89 4.45 -1.20 -23.06
N GLU A 90 5.25 -0.54 -22.22
CA GLU A 90 4.66 0.30 -21.18
C GLU A 90 4.04 1.55 -21.78
N LYS A 91 4.69 2.13 -22.80
CA LYS A 91 4.13 3.31 -23.46
C LYS A 91 2.71 3.02 -23.93
N ILE A 92 2.48 1.84 -24.49
CA ILE A 92 1.16 1.50 -25.00
C ILE A 92 0.16 1.38 -23.85
N LYS A 93 0.57 0.76 -22.74
CA LYS A 93 -0.32 0.67 -21.58
C LYS A 93 -0.67 2.05 -21.04
N LEU A 94 0.28 2.98 -21.06
CA LEU A 94 0.00 4.32 -20.56
C LEU A 94 -0.96 5.07 -21.47
N LEU A 95 -0.97 4.77 -22.76
CA LEU A 95 -1.81 5.51 -23.70
C LEU A 95 -3.24 5.00 -23.75
N LYS A 96 -3.56 3.93 -23.05
CA LYS A 96 -4.95 3.49 -22.98
C LYS A 96 -5.74 4.44 -22.08
N PRO A 97 -6.83 5.04 -22.56
CA PRO A 97 -7.66 5.87 -21.67
C PRO A 97 -8.18 5.00 -20.52
N ILE A 98 -8.02 5.50 -19.30
CA ILE A 98 -8.42 4.68 -18.16
C ILE A 98 -9.93 4.45 -18.21
N SER A 99 -10.35 3.29 -17.73
CA SER A 99 -11.72 2.86 -17.94
C SER A 99 -12.14 1.99 -16.77
N GLY A 100 -13.42 1.58 -16.79
CA GLY A 100 -13.87 0.59 -15.84
C GLY A 100 -13.93 1.12 -14.42
N LYS A 101 -13.81 0.20 -13.46
CA LYS A 101 -13.85 0.56 -12.05
C LYS A 101 -12.67 1.44 -11.67
N LEU A 102 -11.52 1.23 -12.31
CA LEU A 102 -10.37 2.10 -12.10
C LEU A 102 -10.72 3.56 -12.38
N ARG A 103 -11.36 3.82 -13.53
CA ARG A 103 -11.72 5.19 -13.87
C ARG A 103 -12.74 5.76 -12.90
N ALA A 104 -13.79 5.00 -12.59
CA ALA A 104 -14.82 5.47 -11.66
C ALA A 104 -14.23 5.80 -10.29
N GLN A 105 -13.32 4.97 -9.80
CA GLN A 105 -12.71 5.24 -8.50
C GLN A 105 -11.78 6.44 -8.58
N TRP A 106 -11.05 6.58 -9.68
CA TRP A 106 -10.20 7.76 -9.85
C TRP A 106 -11.03 9.05 -9.96
N GLU A 107 -12.12 9.03 -10.72
CA GLU A 107 -12.94 10.26 -10.86
C GLU A 107 -13.57 10.64 -9.52
N MET A 108 -14.03 9.63 -8.76
CA MET A 108 -14.53 9.86 -7.41
C MET A 108 -13.43 10.43 -6.51
N GLY A 109 -12.21 9.93 -6.63
CA GLY A 109 -11.09 10.51 -5.91
C GLY A 109 -10.81 11.96 -6.29
N ILE A 110 -10.91 12.29 -7.58
CA ILE A 110 -10.70 13.67 -8.01
C ILE A 110 -11.73 14.60 -7.38
N VAL A 111 -13.00 14.18 -7.33
CA VAL A 111 -14.04 15.02 -6.74
C VAL A 111 -13.78 15.24 -5.25
N GLN A 112 -13.34 14.19 -4.54
CA GLN A 112 -13.08 14.32 -3.12
C GLN A 112 -11.89 15.24 -2.87
N ALA A 113 -10.84 15.12 -3.69
CA ALA A 113 -9.65 15.93 -3.49
C ALA A 113 -9.90 17.40 -3.82
N GLU A 114 -10.79 17.69 -4.78
CA GLU A 114 -11.06 19.08 -5.11
C GLU A 114 -11.92 19.75 -4.04
N GLU A 115 -12.86 19.01 -3.44
CA GLU A 115 -13.56 19.49 -2.25
C GLU A 115 -12.58 19.78 -1.13
N ALA A 116 -11.65 18.85 -0.90
CA ALA A 116 -10.66 19.03 0.16
C ALA A 116 -9.75 20.22 -0.12
N ALA A 117 -9.37 20.42 -1.40
CA ALA A 117 -8.48 21.52 -1.73
C ALA A 117 -9.09 22.88 -1.39
N SER A 118 -10.41 22.99 -1.40
CA SER A 118 -11.03 24.27 -1.11
C SER A 118 -11.27 24.49 0.37
N MET A 119 -11.04 23.48 1.20
CA MET A 119 -11.20 23.62 2.64
C MET A 119 -9.89 24.02 3.29
N SER A 120 -10.00 24.64 4.46
CA SER A 120 -8.83 24.81 5.32
C SER A 120 -8.29 23.44 5.69
N VAL A 121 -6.99 23.41 6.00
CA VAL A 121 -6.33 22.17 6.44
C VAL A 121 -7.05 21.55 7.63
N GLU A 122 -7.33 22.35 8.66
CA GLU A 122 -7.98 21.78 9.85
C GLU A 122 -9.35 21.21 9.53
N GLU A 123 -10.10 21.88 8.65
CA GLU A 123 -11.39 21.33 8.25
C GLU A 123 -11.24 20.09 7.37
N ARG A 124 -10.27 20.08 6.46
CA ARG A 124 -10.15 18.91 5.58
C ARG A 124 -9.64 17.70 6.34
N LYS A 125 -8.75 17.90 7.33
CA LYS A 125 -8.36 16.78 8.19
C LYS A 125 -9.56 16.20 8.93
N ALA A 126 -10.45 17.05 9.42
CA ALA A 126 -11.62 16.54 10.13
C ALA A 126 -12.53 15.76 9.20
N LYS A 127 -12.69 16.21 7.96
CA LYS A 127 -13.69 15.63 7.09
C LYS A 127 -13.19 14.37 6.38
N PHE A 128 -11.94 14.37 5.93
CA PHE A 128 -11.49 13.33 4.99
C PHE A 128 -10.52 12.33 5.58
N THR A 129 -10.12 12.46 6.83
CA THR A 129 -9.27 11.44 7.43
C THR A 129 -10.06 10.16 7.63
N PHE A 130 -9.49 9.06 7.15
CA PHE A 130 -10.06 7.75 7.40
C PHE A 130 -9.95 7.45 8.88
N LEU A 131 -11.03 6.98 9.46
CA LEU A 131 -11.02 6.56 10.85
C LEU A 131 -11.77 5.25 10.94
N TYR A 132 -11.36 4.43 11.91
CA TYR A 132 -12.12 3.22 12.20
C TYR A 132 -13.54 3.60 12.60
N VAL A 133 -14.51 2.97 11.95
CA VAL A 133 -15.91 3.20 12.30
C VAL A 133 -16.62 1.86 12.48
N LEU B 2 5.05 -19.21 -11.79
CA LEU B 2 4.75 -18.34 -10.65
C LEU B 2 4.87 -19.11 -9.34
N LYS B 3 5.43 -18.43 -8.33
CA LYS B 3 5.59 -18.98 -7.00
C LYS B 3 4.30 -18.96 -6.18
N TYR B 4 3.32 -18.11 -6.51
CA TYR B 4 2.09 -18.09 -5.74
C TYR B 4 0.88 -18.00 -6.66
N ASN B 5 -0.25 -18.51 -6.15
CA ASN B 5 -1.55 -18.37 -6.78
C ASN B 5 -2.48 -17.56 -5.88
N VAL B 6 -3.57 -17.07 -6.47
CA VAL B 6 -4.59 -16.35 -5.71
C VAL B 6 -5.12 -17.26 -4.63
N GLY B 7 -5.23 -16.72 -3.41
CA GLY B 7 -5.69 -17.49 -2.28
C GLY B 7 -4.57 -18.10 -1.45
N ASP B 8 -3.33 -18.09 -1.95
CA ASP B 8 -2.20 -18.53 -1.14
C ASP B 8 -1.99 -17.61 0.07
N LEU B 9 -1.68 -18.20 1.22
CA LEU B 9 -1.31 -17.43 2.40
C LEU B 9 0.19 -17.16 2.41
N VAL B 10 0.56 -15.91 2.71
CA VAL B 10 1.96 -15.50 2.73
C VAL B 10 2.21 -14.57 3.92
N TRP B 11 3.48 -14.42 4.24
CA TRP B 11 3.96 -13.37 5.13
C TRP B 11 4.50 -12.26 4.24
N SER B 12 4.16 -11.01 4.56
CA SER B 12 4.65 -9.86 3.81
C SER B 12 5.48 -8.97 4.72
N LYS B 13 6.61 -8.48 4.18
CA LYS B 13 7.46 -7.54 4.88
C LYS B 13 7.32 -6.16 4.25
N VAL B 14 6.85 -5.21 5.05
CA VAL B 14 6.76 -3.79 4.72
C VAL B 14 7.62 -3.05 5.73
N SER B 15 8.44 -2.10 5.25
CA SER B 15 9.33 -1.37 6.14
C SER B 15 8.56 -0.69 7.26
N GLY B 16 9.11 -0.75 8.46
CA GLY B 16 8.44 -0.28 9.67
C GLY B 16 7.41 -1.22 10.27
N TYR B 17 7.08 -2.33 9.60
CA TYR B 17 6.08 -3.25 10.10
C TYR B 17 6.70 -4.62 10.38
N PRO B 18 6.19 -5.36 11.37
CA PRO B 18 6.57 -6.78 11.49
C PRO B 18 6.05 -7.56 10.30
N TRP B 19 6.68 -8.72 10.07
CA TRP B 19 6.16 -9.67 9.12
C TRP B 19 4.69 -9.93 9.44
N TRP B 20 3.86 -9.87 8.40
CA TRP B 20 2.42 -9.72 8.54
C TRP B 20 1.72 -10.82 7.75
N PRO B 21 0.70 -11.46 8.33
CA PRO B 21 -0.01 -12.53 7.62
C PRO B 21 -0.94 -11.94 6.57
N CYS B 22 -0.89 -12.52 5.37
CA CYS B 22 -1.57 -11.96 4.21
C CYS B 22 -2.13 -13.09 3.36
N MET B 23 -3.04 -12.73 2.45
CA MET B 23 -3.49 -13.64 1.41
C MET B 23 -3.29 -12.99 0.05
N VAL B 24 -2.71 -13.75 -0.89
CA VAL B 24 -2.57 -13.29 -2.26
C VAL B 24 -3.95 -13.14 -2.89
N SER B 25 -4.17 -12.03 -3.60
CA SER B 25 -5.52 -11.71 -4.04
C SER B 25 -5.47 -10.81 -5.27
N ALA B 26 -6.58 -10.80 -5.99
CA ALA B 26 -6.69 -9.93 -7.16
C ALA B 26 -6.85 -8.47 -6.72
N ASP B 27 -6.06 -7.59 -7.32
CA ASP B 27 -6.30 -6.16 -7.20
C ASP B 27 -7.72 -5.85 -7.69
N PRO B 28 -8.56 -5.17 -6.90
CA PRO B 28 -9.96 -4.97 -7.32
C PRO B 28 -10.12 -3.95 -8.43
N LEU B 29 -9.10 -3.14 -8.72
CA LEU B 29 -9.16 -2.17 -9.80
C LEU B 29 -8.38 -2.60 -11.02
N LEU B 30 -7.19 -3.18 -10.84
CA LEU B 30 -6.38 -3.66 -11.94
C LEU B 30 -6.73 -5.06 -12.39
N HIS B 31 -7.35 -5.86 -11.52
CA HIS B 31 -7.87 -7.21 -11.77
C HIS B 31 -6.75 -8.25 -11.83
N SER B 32 -5.49 -7.82 -11.78
CA SER B 32 -4.39 -8.75 -11.75
C SER B 32 -3.98 -9.03 -10.31
N TYR B 33 -3.37 -10.20 -10.10
CA TYR B 33 -2.79 -10.53 -8.81
C TYR B 33 -1.27 -10.59 -8.87
N THR B 34 -0.69 -10.60 -10.06
CA THR B 34 0.76 -10.54 -10.19
C THR B 34 1.09 -9.70 -11.41
N LYS B 35 2.26 -9.06 -11.37
CA LYS B 35 2.69 -8.20 -12.46
C LYS B 35 4.17 -7.90 -12.30
N LEU B 36 4.73 -7.28 -13.31
CA LEU B 36 6.12 -6.84 -13.32
C LEU B 36 6.16 -5.34 -13.14
N LYS B 37 7.03 -4.86 -12.26
CA LYS B 37 7.15 -3.42 -12.08
C LYS B 37 8.11 -2.83 -13.11
N LYS B 41 10.76 -4.58 -15.30
CA LYS B 41 10.65 -5.96 -15.77
C LYS B 41 11.61 -6.87 -15.03
N SER B 42 11.29 -8.17 -15.00
CA SER B 42 12.05 -9.22 -14.32
C SER B 42 12.02 -9.09 -12.81
N ALA B 43 11.22 -8.17 -12.26
CA ALA B 43 11.06 -7.96 -10.82
C ALA B 43 9.57 -8.12 -10.48
N ARG B 44 9.17 -9.34 -10.14
CA ARG B 44 7.77 -9.66 -9.98
C ARG B 44 7.22 -9.15 -8.65
N GLN B 45 5.97 -8.68 -8.67
CA GLN B 45 5.21 -8.30 -7.50
C GLN B 45 3.96 -9.16 -7.45
N TYR B 46 3.42 -9.33 -6.24
CA TYR B 46 2.14 -9.98 -6.02
C TYR B 46 1.26 -9.06 -5.20
N HIS B 47 -0.04 -9.11 -5.46
CA HIS B 47 -0.99 -8.30 -4.70
C HIS B 47 -1.54 -9.09 -3.52
N VAL B 48 -1.50 -8.47 -2.33
CA VAL B 48 -1.89 -9.14 -1.10
C VAL B 48 -2.90 -8.28 -0.38
N GLN B 49 -3.72 -8.95 0.42
CA GLN B 49 -4.62 -8.32 1.38
C GLN B 49 -4.09 -8.67 2.76
N PHE B 50 -3.90 -7.66 3.61
CA PHE B 50 -3.37 -7.91 4.96
C PHE B 50 -4.50 -8.32 5.89
N PHE B 51 -4.37 -9.48 6.54
CA PHE B 51 -5.36 -9.91 7.52
C PHE B 51 -5.41 -8.93 8.69
N GLY B 52 -6.56 -8.86 9.36
CA GLY B 52 -6.77 -7.89 10.41
C GLY B 52 -8.19 -7.37 10.29
N ASP B 53 -8.63 -6.45 11.16
CA ASP B 53 -10.03 -6.06 11.13
C ASP B 53 -10.30 -4.80 10.32
N ALA B 54 -9.28 -4.25 9.69
CA ALA B 54 -9.48 -3.25 8.66
C ALA B 54 -8.82 -3.73 7.35
N PRO B 55 -9.52 -3.58 6.22
CA PRO B 55 -9.01 -4.02 4.91
C PRO B 55 -7.84 -3.18 4.45
N GLU B 56 -6.66 -3.80 4.36
CA GLU B 56 -5.57 -3.14 3.64
C GLU B 56 -5.00 -4.08 2.58
N ARG B 57 -4.42 -3.48 1.54
CA ARG B 57 -3.90 -4.27 0.43
C ARG B 57 -2.67 -3.55 -0.11
N ALA B 58 -1.78 -4.31 -0.74
CA ALA B 58 -0.61 -3.69 -1.36
C ALA B 58 -0.05 -4.61 -2.42
N TRP B 59 0.77 -4.03 -3.30
CA TRP B 59 1.62 -4.79 -4.21
C TRP B 59 2.99 -4.94 -3.58
N ILE B 60 3.46 -6.18 -3.45
CA ILE B 60 4.68 -6.48 -2.70
C ILE B 60 5.62 -7.27 -3.60
N PHE B 61 6.90 -6.89 -3.61
CA PHE B 61 7.91 -7.67 -4.32
C PHE B 61 8.00 -9.08 -3.79
N GLU B 62 8.19 -10.03 -4.71
CA GLU B 62 8.30 -11.44 -4.35
C GLU B 62 9.34 -11.68 -3.28
N LYS B 63 10.44 -10.91 -3.29
CA LYS B 63 11.51 -11.11 -2.32
C LYS B 63 11.09 -10.76 -0.88
N SER B 64 9.97 -10.04 -0.71
CA SER B 64 9.44 -9.69 0.59
C SER B 64 8.22 -10.54 0.97
N LEU B 65 8.04 -11.68 0.31
CA LEU B 65 6.96 -12.61 0.57
C LEU B 65 7.53 -13.98 0.90
N VAL B 66 6.96 -14.62 1.93
CA VAL B 66 7.30 -15.98 2.33
C VAL B 66 6.00 -16.75 2.50
N ALA B 67 5.94 -17.97 1.95
CA ALA B 67 4.77 -18.82 2.13
C ALA B 67 4.46 -18.99 3.62
N PHE B 68 3.17 -18.94 3.96
CA PHE B 68 2.72 -18.93 5.35
C PHE B 68 2.38 -20.34 5.75
N GLU B 69 3.19 -20.91 6.64
CA GLU B 69 2.88 -22.21 7.23
C GLU B 69 2.25 -22.07 8.61
N GLY B 70 2.73 -21.15 9.45
CA GLY B 70 2.18 -21.05 10.79
C GLY B 70 2.82 -19.93 11.58
N GLU B 71 2.10 -19.51 12.62
CA GLU B 71 2.55 -18.41 13.47
C GLU B 71 3.99 -18.61 13.93
N GLY B 72 4.38 -19.86 14.19
CA GLY B 72 5.72 -20.15 14.68
C GLY B 72 6.86 -19.66 13.80
N GLN B 73 6.59 -19.31 12.54
CA GLN B 73 7.64 -18.82 11.64
C GLN B 73 8.07 -17.38 11.95
N PHE B 74 7.25 -16.63 12.66
CA PHE B 74 7.46 -15.18 12.80
C PHE B 74 8.84 -14.84 13.37
N GLU B 75 9.19 -15.40 14.53
CA GLU B 75 10.45 -14.97 15.15
C GLU B 75 11.66 -15.40 14.33
N LYS B 76 11.51 -16.48 13.55
CA LYS B 76 12.56 -16.86 12.59
C LYS B 76 12.71 -15.79 11.51
N LEU B 77 11.60 -15.36 10.90
CA LEU B 77 11.65 -14.29 9.91
C LEU B 77 12.26 -13.01 10.48
N CYS B 78 11.88 -12.67 11.72
CA CYS B 78 12.39 -11.44 12.33
C CYS B 78 13.89 -11.49 12.56
N GLN B 79 14.39 -12.62 13.09
CA GLN B 79 15.82 -12.78 13.28
C GLN B 79 16.57 -12.63 11.97
N GLU B 80 16.04 -13.22 10.88
CA GLU B 80 16.71 -13.13 9.58
C GLU B 80 16.66 -11.71 9.03
N SER B 81 15.53 -11.02 9.19
CA SER B 81 15.47 -9.62 8.75
C SER B 81 16.47 -8.77 9.54
N ALA B 82 16.64 -9.04 10.84
CA ALA B 82 17.57 -8.22 11.63
C ALA B 82 19.01 -8.41 11.17
N LYS B 83 19.40 -9.64 10.85
CA LYS B 83 20.75 -9.86 10.30
C LYS B 83 20.96 -9.10 9.00
N GLN B 84 19.90 -8.96 8.19
CA GLN B 84 20.00 -8.33 6.89
C GLN B 84 19.69 -6.84 6.90
N ALA B 85 19.33 -6.27 8.05
CA ALA B 85 18.98 -4.85 8.10
C ALA B 85 20.13 -4.02 7.55
N PRO B 86 19.84 -3.02 6.71
CA PRO B 86 20.94 -2.25 6.08
C PRO B 86 21.77 -1.47 7.07
N THR B 87 21.16 -0.98 8.13
CA THR B 87 21.82 -0.12 9.10
C THR B 87 21.60 -0.71 10.48
N LYS B 88 22.43 -0.28 11.42
CA LYS B 88 22.23 -0.72 12.80
C LYS B 88 20.98 -0.09 13.42
N ALA B 89 20.61 1.10 12.98
CA ALA B 89 19.38 1.71 13.47
C ALA B 89 18.17 0.85 13.10
N GLU B 90 18.10 0.39 11.84
CA GLU B 90 17.00 -0.48 11.43
C GLU B 90 17.05 -1.84 12.14
N LYS B 91 18.24 -2.40 12.32
CA LYS B 91 18.37 -3.62 13.11
C LYS B 91 17.75 -3.45 14.49
N ILE B 92 18.13 -2.38 15.20
CA ILE B 92 17.66 -2.18 16.57
C ILE B 92 16.14 -2.04 16.61
N LYS B 93 15.57 -1.36 15.61
CA LYS B 93 14.12 -1.22 15.56
C LYS B 93 13.44 -2.56 15.35
N LEU B 94 14.06 -3.45 14.56
CA LEU B 94 13.49 -4.77 14.34
C LEU B 94 13.50 -5.61 15.60
N LEU B 95 14.44 -5.35 16.50
CA LEU B 95 14.53 -6.12 17.73
C LEU B 95 13.61 -5.60 18.83
N LYS B 96 12.91 -4.47 18.60
CA LYS B 96 12.07 -4.08 19.73
C LYS B 96 10.74 -4.83 19.67
N PRO B 97 10.19 -5.22 20.83
CA PRO B 97 8.98 -6.04 20.82
C PRO B 97 7.79 -5.24 20.34
N ILE B 98 6.85 -5.93 19.73
CA ILE B 98 5.65 -5.26 19.25
C ILE B 98 4.65 -5.14 20.39
N SER B 99 3.84 -4.08 20.35
CA SER B 99 2.87 -3.84 21.41
C SER B 99 1.80 -2.89 20.88
N GLY B 100 0.95 -2.44 21.79
CA GLY B 100 -0.07 -1.44 21.49
C GLY B 100 -1.03 -1.90 20.41
N LYS B 101 -1.54 -0.92 19.67
CA LYS B 101 -2.51 -1.22 18.64
C LYS B 101 -1.91 -2.05 17.51
N LEU B 102 -0.63 -1.83 17.18
CA LEU B 102 0.01 -2.62 16.13
C LEU B 102 -0.04 -4.11 16.49
N ARG B 103 0.32 -4.46 17.74
CA ARG B 103 0.32 -5.88 18.11
C ARG B 103 -1.10 -6.44 18.14
N ALA B 104 -2.07 -5.65 18.62
CA ALA B 104 -3.45 -6.14 18.64
C ALA B 104 -3.94 -6.47 17.24
N GLN B 105 -3.57 -5.65 16.25
CA GLN B 105 -4.01 -5.92 14.89
C GLN B 105 -3.23 -7.08 14.28
N TRP B 106 -1.94 -7.16 14.56
CA TRP B 106 -1.13 -8.29 14.15
C TRP B 106 -1.72 -9.61 14.64
N GLU B 107 -2.08 -9.66 15.93
CA GLU B 107 -2.71 -10.85 16.49
C GLU B 107 -4.04 -11.15 15.83
N MET B 108 -4.79 -10.11 15.46
CA MET B 108 -6.02 -10.31 14.71
C MET B 108 -5.74 -10.96 13.37
N GLY B 109 -4.68 -10.52 12.69
CA GLY B 109 -4.29 -11.14 11.43
C GLY B 109 -3.84 -12.58 11.58
N ILE B 110 -3.15 -12.89 12.68
CA ILE B 110 -2.70 -14.26 12.93
C ILE B 110 -3.91 -15.19 13.13
N VAL B 111 -4.95 -14.72 13.82
CA VAL B 111 -6.15 -15.54 14.04
C VAL B 111 -6.84 -15.85 12.72
N GLN B 112 -7.05 -14.82 11.89
CA GLN B 112 -7.74 -15.02 10.62
C GLN B 112 -6.94 -15.86 9.65
N ALA B 113 -5.60 -15.78 9.71
CA ALA B 113 -4.78 -16.56 8.80
C ALA B 113 -4.78 -18.04 9.17
N GLU B 114 -4.67 -18.35 10.47
CA GLU B 114 -4.80 -19.74 10.92
C GLU B 114 -6.18 -20.29 10.57
N GLU B 115 -7.22 -19.50 10.86
CA GLU B 115 -8.58 -19.87 10.47
C GLU B 115 -8.67 -20.10 8.98
N ALA B 116 -8.08 -19.20 8.17
CA ALA B 116 -8.11 -19.37 6.72
C ALA B 116 -7.26 -20.55 6.28
N ALA B 117 -6.13 -20.79 6.95
CA ALA B 117 -5.31 -21.93 6.61
C ALA B 117 -6.06 -23.25 6.82
N SER B 118 -6.95 -23.29 7.81
CA SER B 118 -7.72 -24.48 8.11
C SER B 118 -8.97 -24.60 7.26
N MET B 119 -9.05 -23.90 6.14
CA MET B 119 -10.12 -24.15 5.19
C MET B 119 -9.55 -24.07 3.78
N SER B 120 -10.16 -24.85 2.88
CA SER B 120 -9.68 -25.01 1.52
C SER B 120 -9.58 -23.66 0.81
N VAL B 121 -8.88 -23.67 -0.33
CA VAL B 121 -8.61 -22.44 -1.07
C VAL B 121 -9.91 -21.72 -1.39
N GLU B 122 -10.78 -22.35 -2.19
CA GLU B 122 -12.00 -21.67 -2.61
C GLU B 122 -12.90 -21.35 -1.42
N GLU B 123 -12.78 -22.11 -0.34
CA GLU B 123 -13.47 -21.75 0.89
C GLU B 123 -12.96 -20.43 1.46
N ARG B 124 -11.63 -20.30 1.61
CA ARG B 124 -11.06 -19.09 2.20
C ARG B 124 -11.25 -17.89 1.28
N LYS B 125 -11.17 -18.10 -0.03
CA LYS B 125 -11.33 -16.99 -0.97
C LYS B 125 -12.69 -16.33 -0.83
N ALA B 126 -13.71 -17.10 -0.45
CA ALA B 126 -15.06 -16.56 -0.41
C ALA B 126 -15.25 -15.60 0.77
N LYS B 127 -14.86 -16.05 1.97
CA LYS B 127 -15.15 -15.27 3.16
C LYS B 127 -14.18 -14.09 3.33
N PHE B 128 -12.89 -14.30 3.03
CA PHE B 128 -11.85 -13.36 3.41
C PHE B 128 -11.56 -12.31 2.34
N THR B 129 -11.93 -12.55 1.09
CA THR B 129 -11.74 -11.51 0.07
C THR B 129 -12.74 -10.39 0.32
N PHE B 130 -12.24 -9.17 0.47
CA PHE B 130 -13.10 -8.04 0.77
C PHE B 130 -13.74 -7.49 -0.50
S SO4 C . -13.40 26.26 5.63
O1 SO4 C . -13.01 24.86 5.56
O2 SO4 C . -14.86 26.33 5.55
O3 SO4 C . -12.95 26.82 6.90
O4 SO4 C . -12.81 27.02 4.53
C01 A1EF6 D . -1.75 5.11 -16.50
C02 A1EF6 D . -1.01 6.39 -16.16
C03 A1EF6 D . -1.64 7.50 -16.50
C07 A1EF6 D . -2.30 2.73 -16.20
N05 A1EF6 D . -1.50 3.87 -15.80
O06 A1EF6 D . -2.59 5.14 -17.34
S04 A1EF6 D . -0.98 9.16 -16.19
N1 EPE E . 4.05 0.27 -2.98
C2 EPE E . 3.04 0.88 -2.12
C3 EPE E . 3.47 0.77 -0.66
N4 EPE E . 4.02 -0.52 -0.26
C5 EPE E . 4.82 -1.28 -1.20
C6 EPE E . 4.28 -1.14 -2.61
C7 EPE E . 3.77 -1.03 1.07
C8 EPE E . 3.78 0.07 2.13
O8 EPE E . 2.48 0.61 2.28
C9 EPE E . 3.55 0.32 -4.36
C10 EPE E . 4.45 -0.53 -5.22
S EPE E . 5.26 0.28 -6.61
O1S EPE E . 5.25 -0.67 -7.73
O2S EPE E . 4.64 1.53 -7.05
O3S EPE E . 6.64 0.58 -6.22
S SO4 F . 8.10 -0.93 1.53
O1 SO4 F . 6.87 -1.66 1.22
O2 SO4 F . 7.77 0.38 2.11
O3 SO4 F . 8.81 -1.69 2.54
O4 SO4 F . 8.89 -0.73 0.33
C01 A1EF6 G . 9.27 -4.96 13.69
C02 A1EF6 G . 9.56 -6.14 12.77
C03 A1EF6 G . 9.49 -7.34 13.32
C07 A1EF6 G . 8.29 -2.67 14.05
N05 A1EF6 G . 8.58 -3.79 13.19
O06 A1EF6 G . 9.61 -5.01 14.82
S04 A1EF6 G . 9.79 -8.83 12.31
S SO4 H . -1.61 -25.63 -1.92
O1 SO4 H . -2.82 -26.33 -2.34
O2 SO4 H . -1.97 -24.52 -1.06
O3 SO4 H . -0.74 -26.53 -1.18
O4 SO4 H . -0.85 -25.16 -3.05
#